data_3BYH
#
_entry.id   3BYH
#
_cell.length_a   1.000
_cell.length_b   1.000
_cell.length_c   1.000
_cell.angle_alpha   90.00
_cell.angle_beta   90.00
_cell.angle_gamma   90.00
#
_symmetry.space_group_name_H-M   'P 1'
#
loop_
_entity.id
_entity.type
_entity.pdbx_description
1 polymer Actin
2 polymer 'fimbrin ABD2'
#
loop_
_entity_poly.entity_id
_entity_poly.type
_entity_poly.pdbx_seq_one_letter_code
_entity_poly.pdbx_strand_id
1 'polypeptide(L)'
;DDDIAALVVDNGSGMCKAGFAGDDAPRAVFPSIVGRPRHQGVMVGMGQKDSYVGDEAQSKRGILTLKYPIEHGIVTNWDD
MEKIWHHTFYNELRVAPEEHPVLLTEAPLNPKANREKMTQIMFETFNTPAMYVAIQAVLSLYASGRTTGIVMDSGDGVTH
TVPIYEGYALPHAILRLDLAGRDLTDYLMKILTERGYSFTTTAEREIVRDIKEKLCYVALDFEQEMATAASSSSLEKSYE
LPDGQVITIGNERFRCPEALFQPSFLGMESCGIHETTFNSIMKCDVDIRKDLYANTVLSGGTTMYPGIADRMQKEITALA
PSTMKIKIIAPPERKYSVWIGGSILASLSTFQQMWISKQEYDESGPSIVHRKCF
;
A
2 'polypeptide(L)'
;DVETCRDERCYRLWINSLGIDSYVNNVFEDVRNGWILLEVLDKVSPSSVNWKHASKPPIKMPFRKVENCNQVIKIGKQLK
FSLVNVAGNDIVQGNKKLILGLLWQLMRFHMLQLLKSLRSEMTDADILSWANRKVRTMGRKLQIESFKDKSLSSGLFFLN
LLWAVEPRVVNWNLVTKGETDDEKRLNATYIVSVARKLGCSVFLLPEDIVEVNQKMILILTASIMYWSLQR
;
B
#
# COMPACT_ATOMS: atom_id res chain seq x y z
N ASP A 1 -14.77 11.45 -5.16
CA ASP A 1 -15.42 10.38 -4.36
C ASP A 1 -15.23 8.90 -4.82
N ASP A 2 -14.07 8.38 -4.35
CA ASP A 2 -13.51 7.02 -4.54
C ASP A 2 -13.04 6.73 -5.95
N ASP A 3 -13.97 6.78 -6.86
CA ASP A 3 -13.65 6.52 -8.22
C ASP A 3 -13.64 7.98 -8.55
N ILE A 4 -12.32 8.18 -8.52
CA ILE A 4 -11.56 9.39 -8.74
C ILE A 4 -11.31 10.20 -7.50
N ALA A 5 -10.02 9.84 -7.48
CA ALA A 5 -9.10 9.99 -6.39
C ALA A 5 -7.85 9.32 -7.00
N ALA A 6 -6.74 10.00 -6.76
CA ALA A 6 -5.43 9.52 -7.08
C ALA A 6 -5.18 8.34 -6.16
N LEU A 7 -4.27 7.47 -6.52
CA LEU A 7 -3.90 6.34 -5.68
C LEU A 7 -2.56 6.74 -5.07
N VAL A 8 -2.37 6.82 -3.75
CA VAL A 8 -1.04 7.12 -3.27
C VAL A 8 -0.25 5.79 -3.16
N VAL A 9 0.95 5.60 -3.69
CA VAL A 9 1.71 4.37 -3.59
C VAL A 9 3.00 4.81 -2.89
N ASP A 10 3.22 4.26 -1.71
CA ASP A 10 4.43 4.58 -0.98
C ASP A 10 5.26 3.36 -1.09
N ASN A 11 6.46 3.52 -1.62
CA ASN A 11 7.39 2.43 -1.93
C ASN A 11 8.54 2.36 -0.98
N GLY A 12 8.31 1.52 0.02
CA GLY A 12 9.31 1.28 1.03
C GLY A 12 10.10 0.00 0.75
N SER A 13 11.33 0.11 1.27
CA SER A 13 12.31 -0.96 1.33
C SER A 13 11.79 -2.23 2.03
N GLY A 14 11.06 -2.11 3.11
CA GLY A 14 10.50 -3.28 3.74
C GLY A 14 9.02 -3.47 3.47
N MET A 15 8.30 -2.37 3.35
CA MET A 15 6.85 -2.31 3.25
C MET A 15 6.33 -1.35 2.16
N CYS A 16 5.21 -1.64 1.50
CA CYS A 16 4.60 -0.75 0.53
C CYS A 16 3.24 -0.48 1.11
N LYS A 17 2.68 0.72 1.01
CA LYS A 17 1.37 1.07 1.54
C LYS A 17 0.76 1.83 0.36
N ALA A 18 -0.47 1.46 -0.01
CA ALA A 18 -1.15 1.98 -1.18
C ALA A 18 -2.61 2.20 -0.90
N GLY A 19 -3.15 3.31 -1.34
CA GLY A 19 -4.53 3.58 -1.05
C GLY A 19 -5.04 4.69 -1.92
N PHE A 20 -6.09 5.31 -1.39
CA PHE A 20 -6.78 6.30 -2.16
C PHE A 20 -6.71 7.62 -1.44
N ALA A 21 -6.40 8.65 -2.26
CA ALA A 21 -6.31 10.00 -1.74
C ALA A 21 -7.70 10.39 -1.27
N GLY A 22 -7.60 11.08 -0.11
CA GLY A 22 -8.72 11.48 0.71
C GLY A 22 -8.91 10.52 1.88
N ASP A 23 -8.14 9.43 1.98
CA ASP A 23 -8.29 8.47 3.06
C ASP A 23 -7.24 8.62 4.17
N ASP A 24 -7.82 8.27 5.29
CA ASP A 24 -7.15 8.26 6.57
C ASP A 24 -6.03 7.20 6.62
N ALA A 25 -6.17 5.94 6.23
CA ALA A 25 -5.04 5.02 6.35
C ALA A 25 -4.79 4.25 5.07
N PRO A 26 -3.62 3.72 4.80
CA PRO A 26 -3.38 2.79 3.70
C PRO A 26 -4.36 1.64 3.58
N ARG A 27 -4.97 1.34 2.42
CA ARG A 27 -5.83 0.18 2.29
C ARG A 27 -5.03 -1.09 2.11
N ALA A 28 -3.86 -1.07 1.49
CA ALA A 28 -3.08 -2.28 1.28
C ALA A 28 -1.72 -2.01 1.86
N VAL A 29 -1.30 -2.70 2.93
CA VAL A 29 0.07 -2.51 3.34
C VAL A 29 0.72 -3.84 2.99
N PHE A 30 1.85 -4.03 2.30
CA PHE A 30 2.32 -5.37 2.08
C PHE A 30 3.79 -5.45 2.13
N PRO A 31 4.38 -6.63 2.38
CA PRO A 31 5.81 -6.93 2.21
C PRO A 31 6.45 -6.59 0.86
N SER A 32 7.58 -5.86 0.82
CA SER A 32 8.20 -5.56 -0.49
C SER A 32 9.18 -6.63 -0.99
N ILE A 33 9.59 -6.62 1.64
CA ILE A 33 10.57 -7.16 0.75
C ILE A 33 9.97 -7.70 -0.56
N VAL A 34 10.77 -7.62 -1.64
CA VAL A 34 10.50 -8.19 -2.96
C VAL A 34 11.50 -9.31 -3.08
N GLY A 35 11.07 -10.50 -3.46
CA GLY A 35 12.01 -11.61 -3.55
C GLY A 35 12.00 -12.24 -4.90
N ARG A 36 13.11 -12.16 -5.63
CA ARG A 36 13.19 -12.79 -6.96
C ARG A 36 14.01 -14.09 -6.83
N PRO A 37 13.54 -15.21 -7.40
CA PRO A 37 14.19 -16.50 -7.38
C PRO A 37 15.67 -16.61 -7.59
N ARG A 38 16.41 -15.77 -8.33
CA ARG A 38 17.86 -15.97 -8.56
C ARG A 38 18.22 -17.43 -8.93
N HIS A 39 17.24 -18.03 -9.65
CA HIS A 39 17.16 -19.36 -10.25
C HIS A 39 15.73 -19.40 -10.74
N GLN A 40 15.55 -19.30 -12.07
CA GLN A 40 14.26 -19.42 -12.73
C GLN A 40 13.39 -20.41 -11.94
N GLY A 41 12.39 -19.75 -11.35
CA GLY A 41 11.44 -20.44 -10.52
C GLY A 41 10.07 -20.29 -11.14
N VAL A 42 9.14 -20.82 -10.32
CA VAL A 42 7.64 -20.85 -10.40
C VAL A 42 7.00 -22.23 -10.09
N MET A 43 6.15 -22.13 -9.07
CA MET A 43 5.37 -23.28 -8.61
C MET A 43 4.30 -23.45 -9.71
N VAL A 44 3.87 -24.67 -10.07
CA VAL A 44 2.77 -24.85 -11.04
C VAL A 44 1.43 -24.90 -10.27
N GLY A 45 1.20 -23.67 -9.86
CA GLY A 45 0.06 -23.17 -9.14
C GLY A 45 0.41 -21.72 -8.83
N MET A 46 0.90 -21.14 -9.94
CA MET A 46 1.24 -19.74 -10.15
C MET A 46 1.88 -19.53 -11.54
N GLY A 47 1.67 -18.27 -12.03
CA GLY A 47 2.12 -17.83 -13.35
C GLY A 47 3.63 -17.82 -13.37
N GLN A 48 4.39 -17.55 -14.46
CA GLN A 48 5.86 -17.44 -14.30
C GLN A 48 5.93 -16.02 -13.70
N LYS A 49 5.93 -16.12 -12.34
CA LYS A 49 6.02 -15.14 -11.26
C LYS A 49 7.41 -15.24 -10.65
N ASP A 50 8.28 -14.29 -10.99
CA ASP A 50 9.58 -14.33 -10.41
C ASP A 50 9.84 -13.13 -9.51
N SER A 51 8.82 -12.45 -8.95
CA SER A 51 9.04 -11.50 -7.87
C SER A 51 7.96 -11.92 -6.90
N TYR A 52 8.23 -12.43 -5.72
CA TYR A 52 7.18 -12.68 -4.77
C TYR A 52 7.27 -11.45 -3.89
N VAL A 53 6.19 -10.89 -3.35
CA VAL A 53 6.21 -9.64 -2.58
C VAL A 53 5.62 -9.83 -1.18
N GLY A 54 6.11 -9.17 -0.13
CA GLY A 54 5.47 -9.25 1.17
C GLY A 54 5.72 -10.59 1.83
N ASP A 55 4.65 -11.23 2.33
CA ASP A 55 4.70 -12.51 3.10
C ASP A 55 4.77 -13.87 2.38
N GLU A 56 4.23 -13.90 1.14
CA GLU A 56 4.40 -15.00 0.22
C GLU A 56 5.84 -15.05 -0.28
N ALA A 57 6.71 -14.17 0.22
CA ALA A 57 8.09 -14.20 -0.13
C ALA A 57 8.83 -14.38 1.18
N GLN A 58 8.16 -14.32 2.31
CA GLN A 58 8.81 -14.57 3.57
C GLN A 58 8.93 -16.11 3.55
N SER A 59 7.84 -16.81 3.19
CA SER A 59 7.75 -18.26 3.21
C SER A 59 8.35 -19.02 2.04
N LYS A 60 9.43 -18.45 1.51
CA LYS A 60 10.27 -18.99 0.45
C LYS A 60 11.54 -18.13 0.53
N ARG A 61 11.75 -17.37 1.63
CA ARG A 61 12.87 -16.43 1.83
C ARG A 61 14.21 -17.13 1.75
N GLY A 62 14.15 -18.34 2.33
CA GLY A 62 15.22 -19.31 2.30
C GLY A 62 15.50 -19.71 0.87
N ILE A 63 14.54 -19.92 -0.02
CA ILE A 63 14.88 -20.28 -1.40
C ILE A 63 14.98 -19.10 -2.34
N LEU A 64 14.85 -17.84 -1.85
CA LEU A 64 14.79 -16.68 -2.74
C LEU A 64 15.77 -15.58 -2.40
N THR A 65 16.10 -14.70 -3.35
CA THR A 65 16.89 -13.49 -2.97
C THR A 65 15.97 -12.24 -2.83
N LEU A 66 16.01 -11.71 -1.61
CA LEU A 66 15.18 -10.61 -1.20
C LEU A 66 15.75 -9.19 -1.23
N LYS A 67 15.16 -8.26 -1.98
CA LYS A 67 15.54 -6.85 -1.97
C LYS A 67 14.57 -6.02 -1.08
N TYR A 68 15.14 -5.15 -0.23
CA TYR A 68 14.45 -4.25 0.68
C TYR A 68 14.40 -2.86 0.02
N PRO A 69 13.22 -5.64 -4.45
CA PRO A 69 13.45 -4.64 -5.46
C PRO A 69 14.08 -3.38 -4.88
N ILE A 70 13.52 -2.88 -3.78
CA ILE A 70 13.85 -1.59 -3.26
C ILE A 70 14.90 -1.88 -2.24
N GLU A 71 15.93 -1.07 -2.16
CA GLU A 71 17.07 -1.36 -1.33
C GLU A 71 17.73 -0.07 -0.84
N HIS A 72 17.79 0.17 0.47
CA HIS A 72 18.27 1.42 1.03
C HIS A 72 17.48 2.57 0.42
N GLY A 73 16.20 2.27 0.15
CA GLY A 73 15.26 3.21 -0.44
C GLY A 73 15.26 3.31 -1.95
N ILE A 74 16.33 2.84 -2.65
CA ILE A 74 16.53 2.99 -4.08
C ILE A 74 16.18 1.71 -4.81
N VAL A 75 15.61 1.70 -6.04
CA VAL A 75 15.18 0.47 -6.71
C VAL A 75 16.38 -0.01 -7.50
N THR A 76 16.71 -1.27 -7.14
CA THR A 76 17.84 -1.99 -7.73
C THR A 76 17.34 -2.92 -8.82
N ASN A 77 16.08 -3.32 -8.79
CA ASN A 77 15.59 -4.28 -9.73
C ASN A 77 14.34 -3.74 -10.37
N TRP A 78 14.43 -3.35 -11.61
CA TRP A 78 13.27 -2.78 -12.24
C TRP A 78 12.18 -3.70 -12.71
N ASP A 79 12.33 -4.95 -13.14
CA ASP A 79 11.14 -5.69 -13.55
C ASP A 79 10.47 -6.22 -12.31
N ASP A 80 11.20 -6.53 -11.23
CA ASP A 80 10.50 -6.95 -10.04
C ASP A 80 9.81 -5.77 -9.34
N MET A 81 10.32 -4.53 -9.37
CA MET A 81 9.46 -3.40 -8.98
C MET A 81 8.24 -3.35 -9.93
N GLU A 82 8.37 -3.57 -11.26
CA GLU A 82 7.21 -3.53 -12.13
C GLU A 82 6.17 -4.52 -11.72
N LYS A 83 6.61 -5.70 -11.34
CA LYS A 83 5.69 -6.67 -10.76
C LYS A 83 4.91 -6.11 -9.56
N ILE A 84 5.61 -5.47 -8.60
CA ILE A 84 4.97 -5.03 -7.39
C ILE A 84 3.85 -4.08 -7.70
N TRP A 85 4.15 -3.14 -8.60
CA TRP A 85 3.16 -2.12 -8.97
C TRP A 85 1.99 -2.81 -9.64
N HIS A 86 2.13 -3.58 -10.71
CA HIS A 86 1.04 -4.38 -11.28
C HIS A 86 0.15 -5.04 -10.23
N HIS A 87 0.71 -5.71 -9.23
CA HIS A 87 0.02 -6.28 -8.05
C HIS A 87 -0.67 -5.22 -7.17
N THR A 88 -0.04 -4.08 -6.89
CA THR A 88 -0.71 -2.95 -6.22
C THR A 88 -2.08 -2.63 -6.91
N PHE A 89 -2.08 -2.36 -8.23
CA PHE A 89 -3.29 -1.93 -8.93
C PHE A 89 -4.28 -3.07 -9.19
N TYR A 90 -3.79 -4.07 -9.90
CA TYR A 90 -4.59 -5.21 -10.33
C TYR A 90 -4.90 -6.25 -9.30
N ASN A 91 -4.29 -6.32 -8.14
CA ASN A 91 -4.66 -7.35 -7.19
C ASN A 91 -4.94 -6.74 -5.84
N GLU A 92 -4.22 -5.69 -5.39
CA GLU A 92 -4.52 -5.15 -4.10
C GLU A 92 -5.59 -4.07 -4.10
N LEU A 93 -5.53 -3.03 -4.91
CA LEU A 93 -6.56 -2.02 -4.81
C LEU A 93 -7.69 -2.32 -5.76
N ARG A 94 -7.42 -3.19 -6.77
CA ARG A 94 -8.38 -3.71 -7.79
C ARG A 94 -8.89 -2.54 -8.70
N VAL A 95 -7.86 -1.84 -9.18
CA VAL A 95 -7.95 -0.58 -9.86
C VAL A 95 -7.37 -0.70 -11.29
N ALA A 96 -7.69 0.33 -12.05
CA ALA A 96 -7.26 0.41 -13.40
C ALA A 96 -6.36 1.61 -13.46
N PRO A 97 -5.14 1.45 -13.90
CA PRO A 97 -4.16 2.51 -13.91
C PRO A 97 -4.50 3.66 -14.81
N GLU A 98 -5.19 3.43 -15.94
CA GLU A 98 -5.49 4.48 -16.93
C GLU A 98 -6.61 5.51 -16.71
N GLU A 99 -7.12 5.47 -15.47
CA GLU A 99 -8.23 6.27 -15.00
C GLU A 99 -7.89 7.05 -13.71
N HIS A 100 -6.71 6.85 -13.10
CA HIS A 100 -6.35 7.45 -11.79
C HIS A 100 -4.97 8.03 -11.94
N PRO A 101 -4.76 9.24 -11.49
CA PRO A 101 -3.42 9.73 -11.36
C PRO A 101 -2.72 9.03 -10.20
N VAL A 102 -1.41 8.83 -10.26
CA VAL A 102 -0.72 8.26 -9.12
C VAL A 102 0.31 9.18 -8.46
N LEU A 103 0.37 9.21 -7.12
CA LEU A 103 1.44 9.94 -6.53
C LEU A 103 2.35 8.81 -6.10
N LEU A 104 3.58 8.68 -6.57
CA LEU A 104 4.45 7.58 -6.15
C LEU A 104 5.39 8.18 -5.15
N THR A 105 5.80 7.66 -4.01
CA THR A 105 6.83 8.42 -3.31
C THR A 105 8.22 7.97 -3.68
N GLU A 106 9.24 8.71 -3.30
CA GLU A 106 10.60 8.37 -3.61
C GLU A 106 11.61 8.73 -2.50
N ALA A 107 12.78 8.10 -2.46
CA ALA A 107 13.82 8.40 -1.52
C ALA A 107 14.34 9.81 -1.66
N PRO A 108 14.65 10.53 -0.57
CA PRO A 108 15.52 11.72 -0.57
C PRO A 108 16.79 11.35 -1.31
N LEU A 109 17.25 12.26 -2.15
CA LEU A 109 18.43 12.05 -2.98
C LEU A 109 18.34 10.84 -3.97
N ASN A 110 17.13 10.44 -4.45
CA ASN A 110 16.95 9.31 -5.38
C ASN A 110 17.69 9.59 -6.69
N PRO A 111 18.54 8.72 -7.22
CA PRO A 111 19.25 8.96 -8.46
C PRO A 111 18.40 9.44 -9.63
N LYS A 112 18.92 10.36 -10.45
CA LYS A 112 18.31 10.93 -11.66
C LYS A 112 17.57 9.96 -12.54
N ALA A 113 18.27 8.92 -12.98
CA ALA A 113 17.76 7.95 -13.90
C ALA A 113 16.67 7.08 -13.28
N ASN A 114 16.61 7.02 -11.97
CA ASN A 114 15.57 6.30 -11.29
C ASN A 114 14.32 7.07 -11.41
N ARG A 115 14.35 8.37 -11.16
CA ARG A 115 13.17 9.23 -11.25
C ARG A 115 12.57 9.13 -12.64
N GLU A 116 13.45 9.16 -13.64
CA GLU A 116 13.05 9.01 -15.03
C GLU A 116 12.56 7.60 -15.23
N LYS A 117 13.20 6.50 -14.80
CA LYS A 117 12.60 5.23 -15.11
C LYS A 117 11.25 5.07 -14.46
N MET A 118 10.96 5.61 -13.28
CA MET A 118 9.62 5.42 -12.77
C MET A 118 8.65 6.34 -13.46
N THR A 119 9.04 7.48 -14.07
CA THR A 119 8.15 8.27 -14.95
C THR A 119 7.78 7.52 -16.25
N GLN A 120 8.83 7.00 -16.86
CA GLN A 120 8.83 6.08 -17.98
C GLN A 120 7.82 4.97 -17.81
N ILE A 121 8.03 4.00 -16.88
CA ILE A 121 7.13 2.85 -16.61
C ILE A 121 5.67 3.26 -16.40
N MET A 122 5.52 4.19 -15.45
CA MET A 122 4.20 4.64 -15.09
C MET A 122 3.51 5.11 -16.32
N PHE A 123 4.13 5.92 -17.19
CA PHE A 123 3.39 6.40 -18.37
C PHE A 123 3.20 5.46 -19.53
N GLU A 124 4.28 4.85 -19.97
CA GLU A 124 4.25 3.95 -21.10
C GLU A 124 3.71 2.56 -20.81
N THR A 125 4.13 1.97 -19.66
CA THR A 125 3.76 0.63 -19.24
C THR A 125 2.46 0.67 -18.53
N PHE A 126 2.09 1.63 -17.66
CA PHE A 126 0.74 1.58 -17.06
C PHE A 126 -0.26 2.57 -17.59
N ASN A 127 0.18 3.46 -18.49
CA ASN A 127 -0.66 4.42 -19.20
C ASN A 127 -1.48 5.18 -18.20
N THR A 128 -0.72 5.99 -17.46
CA THR A 128 -1.23 6.74 -16.31
C THR A 128 -1.67 8.10 -16.82
N PRO A 129 -2.86 8.63 -16.48
CA PRO A 129 -3.34 9.90 -16.91
C PRO A 129 -2.35 10.99 -16.51
N ALA A 130 -1.71 10.81 -15.33
CA ALA A 130 -0.82 11.76 -14.67
C ALA A 130 -0.10 11.13 -13.51
N MET A 131 0.98 11.79 -13.13
CA MET A 131 1.70 11.32 -12.02
C MET A 131 2.56 12.41 -11.41
N TYR A 132 2.91 12.18 -10.12
CA TYR A 132 3.84 13.01 -9.40
C TYR A 132 4.67 12.05 -8.50
N VAL A 133 5.90 12.50 -8.23
CA VAL A 133 6.84 11.81 -7.42
C VAL A 133 7.25 12.81 -6.33
N ALA A 134 6.82 12.55 -5.12
CA ALA A 134 7.23 13.28 -3.94
C ALA A 134 8.28 12.50 -3.06
N ILE A 135 9.25 13.23 -2.49
CA ILE A 135 10.24 12.70 -1.55
C ILE A 135 9.47 12.28 -0.33
N GLN A 136 9.80 11.20 0.37
CA GLN A 136 8.97 10.73 1.50
C GLN A 136 8.92 11.60 2.71
N ALA A 137 10.05 12.20 3.16
CA ALA A 137 10.12 13.06 4.32
C ALA A 137 9.26 14.30 4.20
N VAL A 138 9.11 14.87 3.00
CA VAL A 138 8.30 16.04 2.79
C VAL A 138 6.81 15.74 3.01
N LEU A 139 6.30 14.53 2.80
CA LEU A 139 4.88 14.17 3.03
C LEU A 139 4.70 13.85 4.52
N SER A 140 5.72 13.30 5.21
CA SER A 140 5.70 13.25 6.67
C SER A 140 5.45 14.64 7.27
N LEU A 141 6.15 15.69 6.79
CA LEU A 141 5.95 17.05 7.27
C LEU A 141 4.56 17.70 7.04
N TYR A 142 4.09 17.61 5.80
CA TYR A 142 2.79 18.12 5.45
C TYR A 142 1.73 17.44 6.31
N ALA A 143 1.80 16.11 6.51
CA ALA A 143 0.83 15.41 7.34
C ALA A 143 0.87 15.80 8.83
N SER A 144 1.92 16.46 9.35
CA SER A 144 1.94 16.94 10.73
C SER A 144 1.41 18.37 10.79
N GLY A 145 7.12 19.54 12.62
CA GLY A 145 6.47 20.80 12.83
C GLY A 145 7.44 21.88 12.51
N ARG A 146 8.11 21.73 11.39
CA ARG A 146 9.15 22.67 11.13
C ARG A 146 9.20 22.89 9.64
N THR A 147 9.79 24.03 9.34
CA THR A 147 9.86 24.58 8.00
C THR A 147 11.27 24.91 7.50
N THR A 148 12.21 25.07 8.41
CA THR A 148 13.57 25.33 8.02
C THR A 148 14.40 24.25 8.77
N GLY A 149 15.48 23.69 8.27
CA GLY A 149 16.13 22.65 8.99
C GLY A 149 16.87 21.85 7.98
N ILE A 150 17.45 20.73 8.35
CA ILE A 150 18.06 19.80 7.41
C ILE A 150 17.71 18.46 8.01
N VAL A 151 17.33 17.56 7.11
CA VAL A 151 16.88 16.23 7.47
C VAL A 151 18.00 15.33 7.03
N MET A 152 18.18 14.24 7.75
CA MET A 152 19.17 13.29 7.36
C MET A 152 18.33 12.04 7.17
N ASP A 153 18.14 11.57 5.96
CA ASP A 153 17.13 10.54 5.73
C ASP A 153 17.79 9.24 5.40
N SER A 154 17.63 8.18 6.17
CA SER A 154 18.33 6.95 5.87
C SER A 154 17.37 5.79 5.82
N GLY A 155 17.15 5.42 4.58
CA GLY A 155 16.25 4.32 4.29
C GLY A 155 16.95 2.96 4.06
N ASP A 156 16.64 2.28 2.95
CA ASP A 156 17.22 0.96 2.68
C ASP A 156 18.24 1.07 1.58
N GLY A 157 18.00 1.97 0.63
CA GLY A 157 18.89 2.07 -0.47
C GLY A 157 19.65 3.37 -0.49
N VAL A 158 19.29 4.46 0.19
CA VAL A 158 20.07 5.70 0.16
C VAL A 158 19.93 6.51 1.44
N THR A 159 20.85 7.46 1.53
CA THR A 159 20.87 8.44 2.58
C THR A 159 21.09 9.77 1.87
N HIS A 160 20.36 10.75 2.32
CA HIS A 160 20.63 12.11 1.85
C HIS A 160 20.52 13.05 3.01
N THR A 161 21.31 14.11 2.86
CA THR A 161 21.23 15.24 3.74
C THR A 161 20.61 16.34 2.83
N VAL A 162 19.51 16.97 3.27
CA VAL A 162 18.73 17.86 2.45
C VAL A 162 18.66 19.11 3.29
N PRO A 163 19.23 20.30 3.00
CA PRO A 163 18.86 21.54 3.67
C PRO A 163 17.54 22.14 3.14
N ILE A 164 16.60 22.52 3.98
CA ILE A 164 15.31 23.04 3.60
C ILE A 164 15.14 24.44 4.19
N TYR A 165 14.90 25.46 3.36
CA TYR A 165 14.61 26.83 3.76
C TYR A 165 13.14 27.06 3.41
N GLU A 166 12.35 27.25 4.45
CA GLU A 166 10.96 27.53 4.36
C GLU A 166 10.13 26.52 3.58
N GLY A 167 10.30 25.21 3.74
CA GLY A 167 9.57 24.20 3.00
C GLY A 167 10.14 23.84 1.62
N TYR A 168 11.34 24.29 1.31
CA TYR A 168 11.91 24.18 -0.01
C TYR A 168 13.29 23.64 0.20
N ALA A 169 13.51 22.49 -0.41
CA ALA A 169 14.75 21.76 -0.34
C ALA A 169 15.77 22.53 -1.15
N LEU A 170 17.03 22.60 -0.76
CA LEU A 170 17.94 23.38 -1.53
C LEU A 170 18.78 22.44 -2.38
N PRO A 171 18.41 22.09 -3.62
CA PRO A 171 19.02 21.02 -4.42
C PRO A 171 20.53 21.09 -4.60
N HIS A 172 21.14 22.28 -4.71
CA HIS A 172 22.61 22.31 -4.74
C HIS A 172 23.34 21.73 -3.49
N ALA A 173 22.73 21.84 -2.30
CA ALA A 173 23.42 21.44 -1.10
C ALA A 173 22.98 20.05 -0.69
N ILE A 174 22.10 19.36 -1.47
CA ILE A 174 21.65 18.00 -1.18
C ILE A 174 22.83 17.11 -1.54
N LEU A 175 23.06 16.12 -0.68
CA LEU A 175 24.17 15.19 -0.81
C LEU A 175 23.53 13.82 -0.59
N ARG A 176 23.99 12.87 -1.40
CA ARG A 176 23.49 11.49 -1.49
C ARG A 176 24.60 10.55 -1.13
N LEU A 177 24.24 9.55 -0.32
CA LEU A 177 25.17 8.55 0.17
C LEU A 177 24.47 7.23 -0.05
N ASP A 178 25.25 6.43 -0.77
CA ASP A 178 24.73 5.14 -1.11
C ASP A 178 25.26 4.09 -0.15
N LEU A 179 24.65 4.18 1.01
CA LEU A 179 24.90 3.28 2.09
C LEU A 179 23.74 3.55 3.03
N ALA A 180 22.93 2.52 3.24
CA ALA A 180 21.77 2.64 4.08
C ALA A 180 21.44 1.24 4.60
N GLY A 181 20.27 0.96 5.21
CA GLY A 181 19.90 -0.32 5.78
C GLY A 181 20.34 -1.64 5.10
N ARG A 182 20.36 -1.77 3.78
CA ARG A 182 20.73 -3.02 3.15
C ARG A 182 22.24 -3.26 3.28
N ASP A 183 22.98 -2.17 3.23
CA ASP A 183 24.41 -2.19 3.35
C ASP A 183 24.77 -2.69 4.72
N LEU A 184 23.96 -2.35 5.72
CA LEU A 184 24.18 -2.74 7.09
C LEU A 184 23.66 -4.13 7.38
N THR A 185 22.61 -4.65 6.77
CA THR A 185 22.22 -6.06 6.92
C THR A 185 23.26 -7.00 6.34
N ASP A 186 23.78 -6.63 5.20
CA ASP A 186 24.83 -7.32 4.52
C ASP A 186 26.17 -7.43 5.22
N TYR A 187 26.57 -6.33 5.85
CA TYR A 187 27.83 -6.28 6.56
C TYR A 187 27.73 -7.01 7.88
N LEU A 188 26.54 -7.07 8.46
CA LEU A 188 26.31 -7.81 9.68
C LEU A 188 26.49 -9.29 9.41
N MET A 189 25.88 -9.83 8.33
CA MET A 189 25.92 -11.26 7.95
C MET A 189 27.33 -11.71 7.68
N LYS A 190 28.17 -10.88 7.02
CA LYS A 190 29.57 -11.16 6.77
C LYS A 190 30.30 -11.12 8.09
N ILE A 191 30.15 -10.17 8.99
CA ILE A 191 30.95 -10.28 10.19
C ILE A 191 30.41 -11.49 10.98
N LEU A 192 29.12 -11.83 10.99
CA LEU A 192 28.60 -13.02 11.68
C LEU A 192 29.08 -14.39 11.08
N THR A 193 29.13 -14.53 9.76
CA THR A 193 29.66 -15.67 9.00
C THR A 193 31.18 -15.76 9.13
N GLU A 194 31.85 -14.62 9.37
CA GLU A 194 33.29 -14.60 9.60
C GLU A 194 33.51 -15.31 10.91
N ARG A 195 32.59 -15.20 11.88
CA ARG A 195 32.72 -15.92 13.14
C ARG A 195 32.36 -17.41 12.94
N GLY A 196 32.48 -17.96 11.73
CA GLY A 196 32.06 -19.31 11.41
C GLY A 196 30.57 -19.58 11.66
N TYR A 197 29.66 -18.69 11.23
CA TYR A 197 28.23 -18.91 11.35
C TYR A 197 27.78 -19.21 9.95
N SER A 198 26.53 -19.66 9.90
CA SER A 198 26.04 -20.27 8.70
C SER A 198 24.64 -19.72 8.42
N PHE A 199 24.49 -18.81 7.43
CA PHE A 199 23.15 -18.29 7.12
C PHE A 199 22.74 -18.83 5.78
N THR A 200 22.86 -20.16 5.76
CA THR A 200 22.77 -20.77 4.47
C THR A 200 21.40 -20.89 3.84
N THR A 201 20.25 -20.82 4.52
CA THR A 201 19.01 -21.03 3.78
C THR A 201 17.94 -19.96 3.63
N THR A 202 17.97 -19.27 2.47
CA THR A 202 17.01 -18.24 1.98
C THR A 202 16.27 -17.37 2.99
N ALA A 203 15.32 -17.94 3.77
CA ALA A 203 14.55 -17.29 4.82
C ALA A 203 15.64 -16.76 5.68
N GLU A 204 16.54 -17.62 6.21
CA GLU A 204 17.57 -17.12 7.11
C GLU A 204 18.55 -16.07 6.55
N ARG A 205 18.48 -15.64 5.27
CA ARG A 205 19.23 -14.46 4.78
C ARG A 205 18.51 -13.17 5.25
N GLU A 206 17.22 -13.36 5.41
CA GLU A 206 16.35 -12.40 6.02
C GLU A 206 16.42 -12.55 7.53
N ILE A 207 17.14 -13.48 8.15
CA ILE A 207 17.20 -13.54 9.61
C ILE A 207 18.30 -12.64 10.19
N VAL A 208 19.23 -12.18 9.34
CA VAL A 208 20.18 -11.18 9.76
C VAL A 208 19.46 -9.83 9.91
N ARG A 209 18.43 -9.51 9.08
CA ARG A 209 17.61 -8.30 9.16
C ARG A 209 17.07 -8.16 10.55
N ASP A 210 16.55 -9.20 11.18
CA ASP A 210 16.03 -9.08 12.56
C ASP A 210 17.14 -8.99 13.61
N ILE A 211 18.32 -9.63 13.49
CA ILE A 211 19.37 -9.43 14.49
C ILE A 211 19.78 -7.93 14.44
N LYS A 212 19.97 -7.42 13.22
CA LYS A 212 20.41 -6.09 12.91
C LYS A 212 19.45 -5.17 13.54
N GLU A 213 18.18 -5.38 13.28
CA GLU A 213 17.27 -4.41 13.82
C GLU A 213 17.10 -4.69 15.28
N LYS A 214 17.26 -5.92 15.80
CA LYS A 214 16.95 -6.13 17.19
C LYS A 214 18.05 -5.90 18.18
N LEU A 215 19.30 -6.07 17.81
CA LEU A 215 20.38 -6.02 18.77
C LEU A 215 21.34 -4.90 18.44
N CYS A 216 21.43 -4.35 17.20
CA CYS A 216 22.38 -3.28 16.96
C CYS A 216 22.09 -2.01 17.72
N TYR A 217 23.22 -1.32 17.86
CA TYR A 217 23.46 -0.18 18.73
C TYR A 217 24.54 0.64 18.01
N VAL A 218 24.53 1.93 18.32
CA VAL A 218 25.55 2.86 17.89
C VAL A 218 26.25 3.22 19.19
N ALA A 219 27.57 3.12 19.09
CA ALA A 219 28.53 3.39 20.14
C ALA A 219 28.84 4.86 20.17
N LEU A 220 29.10 5.47 21.35
CA LEU A 220 29.47 6.88 21.51
C LEU A 220 30.91 7.02 21.20
N ASP A 221 31.67 6.10 21.73
CA ASP A 221 33.05 6.11 21.39
C ASP A 221 33.36 4.71 20.91
N PHE A 222 33.30 4.43 19.58
CA PHE A 222 33.63 3.10 19.07
C PHE A 222 34.82 2.47 19.80
N GLU A 223 35.93 3.22 19.90
CA GLU A 223 37.19 2.85 20.55
C GLU A 223 37.02 2.41 22.00
N GLN A 224 36.54 3.24 22.93
CA GLN A 224 36.33 2.73 24.24
C GLN A 224 35.16 1.77 24.22
N GLU A 225 34.38 1.60 23.17
CA GLU A 225 33.33 0.61 23.17
C GLU A 225 33.88 -0.74 22.80
N MET A 226 34.91 -0.82 22.00
CA MET A 226 35.44 -2.11 21.62
C MET A 226 36.08 -2.81 22.83
N ALA A 227 36.76 -2.08 23.72
CA ALA A 227 37.32 -2.67 24.93
C ALA A 227 36.29 -2.79 26.04
N THR A 228 35.11 -2.24 25.75
CA THR A 228 33.91 -2.47 26.52
C THR A 228 32.99 -3.37 25.64
N ALA A 229 33.69 -4.36 25.07
CA ALA A 229 33.19 -5.55 24.44
C ALA A 229 34.24 -6.46 25.12
N ALA A 230 35.59 -6.29 25.03
CA ALA A 230 36.51 -7.19 25.74
C ALA A 230 36.26 -7.25 27.25
N SER A 231 35.67 -6.26 27.95
CA SER A 231 35.26 -6.38 29.35
C SER A 231 33.81 -6.89 29.34
N SER A 232 33.63 -7.97 28.62
CA SER A 232 32.37 -8.51 28.27
C SER A 232 31.30 -8.57 29.34
N SER A 233 31.07 -9.71 29.97
CA SER A 233 29.92 -9.97 30.83
C SER A 233 28.61 -9.65 30.04
N SER A 234 28.18 -8.38 30.03
CA SER A 234 26.90 -7.93 29.52
C SER A 234 26.69 -7.62 28.03
N LEU A 235 27.70 -7.74 27.17
CA LEU A 235 27.51 -7.37 25.76
C LEU A 235 27.02 -8.48 24.83
N GLU A 236 27.30 -9.77 25.11
CA GLU A 236 26.89 -10.76 24.13
C GLU A 236 25.40 -10.98 24.42
N LYS A 237 24.64 -11.00 23.35
CA LYS A 237 23.24 -11.40 23.42
C LYS A 237 23.03 -12.56 22.43
N SER A 238 22.00 -13.36 22.66
CA SER A 238 21.70 -14.46 21.76
C SER A 238 20.37 -14.36 20.97
N TYR A 239 20.57 -14.90 19.75
CA TYR A 239 19.51 -15.06 18.81
C TYR A 239 19.36 -16.54 18.40
N GLU A 240 18.08 -16.90 18.27
CA GLU A 240 17.63 -18.25 18.06
C GLU A 240 17.23 -18.41 16.61
N LEU A 241 17.85 -19.36 15.96
CA LEU A 241 17.40 -19.74 14.63
C LEU A 241 16.00 -20.42 14.66
N PRO A 242 15.17 -20.29 13.62
CA PRO A 242 14.07 -21.23 13.29
C PRO A 242 14.53 -22.68 13.48
N ASP A 243 15.67 -23.03 12.89
CA ASP A 243 16.38 -24.29 13.09
C ASP A 243 16.52 -24.73 14.56
N GLY A 244 16.15 -24.00 15.64
CA GLY A 244 16.37 -24.42 17.03
C GLY A 244 17.71 -23.89 17.61
N GLN A 245 18.73 -23.80 16.73
CA GLN A 245 20.10 -23.35 17.01
C GLN A 245 20.32 -21.96 17.67
N VAL A 246 21.53 -21.68 18.22
CA VAL A 246 21.80 -20.38 18.81
C VAL A 246 22.92 -19.51 18.18
N ILE A 247 22.76 -18.21 18.29
CA ILE A 247 23.67 -17.25 17.71
C ILE A 247 24.13 -16.54 18.95
N THR A 248 25.38 -16.12 18.98
CA THR A 248 25.73 -15.15 19.99
C THR A 248 26.48 -14.02 19.31
N ILE A 249 26.04 -12.80 19.67
CA ILE A 249 26.55 -11.57 19.09
C ILE A 249 27.04 -10.65 20.20
N GLY A 250 28.20 -10.13 19.94
CA GLY A 250 28.85 -9.24 20.86
C GLY A 250 29.35 -8.01 20.15
N ASN A 251 30.66 -7.89 19.82
CA ASN A 251 31.16 -6.62 19.30
C ASN A 251 30.53 -6.14 17.99
N GLU A 252 29.98 -7.13 17.31
CA GLU A 252 29.21 -6.97 16.12
C GLU A 252 28.02 -6.02 16.20
N ARG A 253 27.28 -6.05 17.30
CA ARG A 253 26.09 -5.23 17.48
C ARG A 253 26.30 -3.75 17.23
N PHE A 254 27.42 -3.16 17.73
CA PHE A 254 27.71 -1.74 17.53
C PHE A 254 28.63 -1.52 16.31
N ARG A 255 29.47 -2.51 15.95
CA ARG A 255 30.35 -2.54 14.77
C ARG A 255 29.51 -2.51 13.47
N CYS A 256 28.26 -2.94 13.48
CA CYS A 256 27.40 -2.90 12.29
C CYS A 256 27.06 -1.42 11.99
N PRO A 257 26.20 -0.66 12.75
CA PRO A 257 25.88 0.72 12.46
C PRO A 257 27.10 1.58 12.31
N GLU A 258 28.27 1.30 12.88
CA GLU A 258 29.50 2.08 12.67
C GLU A 258 29.98 2.30 11.25
N ALA A 259 29.51 1.46 10.35
CA ALA A 259 29.81 1.65 8.95
C ALA A 259 29.12 2.91 8.43
N LEU A 260 28.09 3.41 9.09
CA LEU A 260 27.48 4.68 8.75
C LEU A 260 28.41 5.86 9.00
N PHE A 261 29.19 5.79 10.07
CA PHE A 261 30.09 6.87 10.47
C PHE A 261 31.46 6.78 9.84
N GLN A 262 31.87 5.55 9.56
CA GLN A 262 33.14 5.22 8.96
C GLN A 262 32.88 4.25 7.81
N PRO A 263 32.63 4.63 6.58
CA PRO A 263 32.31 3.69 5.52
C PRO A 263 33.56 3.01 4.99
N SER A 264 34.71 3.16 5.65
CA SER A 264 35.92 2.44 5.37
C SER A 264 35.64 1.04 5.84
N PHE A 265 34.85 0.86 6.91
CA PHE A 265 34.46 -0.45 7.39
C PHE A 265 33.84 -1.23 6.28
N LEU A 266 33.04 -0.59 5.46
CA LEU A 266 32.49 -1.21 4.26
C LEU A 266 33.44 -1.20 3.05
N GLY A 267 34.63 -0.60 3.05
CA GLY A 267 35.47 -0.68 1.87
C GLY A 267 35.19 0.46 0.92
N MET A 268 34.40 1.41 1.42
CA MET A 268 34.02 2.65 0.74
C MET A 268 34.83 3.85 1.18
N GLU A 269 35.13 4.62 0.14
CA GLU A 269 35.87 5.85 0.33
C GLU A 269 34.97 6.92 0.96
N SER A 270 33.65 6.76 1.03
CA SER A 270 32.78 7.84 1.50
C SER A 270 32.99 8.28 2.94
N CYS A 271 32.76 9.57 3.09
CA CYS A 271 32.63 10.24 4.36
C CYS A 271 31.51 9.56 5.09
N GLY A 272 31.43 9.60 6.40
CA GLY A 272 30.26 9.07 7.04
C GLY A 272 29.20 10.14 7.13
N ILE A 273 28.06 9.66 7.60
CA ILE A 273 26.89 10.47 7.82
C ILE A 273 26.99 11.79 8.58
N HIS A 274 28.02 11.89 9.41
CA HIS A 274 28.18 13.06 10.27
C HIS A 274 28.86 14.21 9.54
N GLU A 275 29.66 13.82 8.57
CA GLU A 275 30.38 14.76 7.75
C GLU A 275 29.53 15.26 6.63
N THR A 276 28.67 14.44 6.09
CA THR A 276 27.80 14.78 5.00
C THR A 276 26.78 15.77 5.55
N THR A 277 26.03 15.63 6.69
CA THR A 277 25.21 16.70 7.24
C THR A 277 26.03 18.02 7.27
N PHE A 278 27.23 18.02 7.83
CA PHE A 278 28.10 19.20 7.86
C PHE A 278 28.51 19.70 6.47
N ASN A 279 28.60 18.91 5.44
CA ASN A 279 29.06 19.47 4.20
C ASN A 279 27.89 20.00 3.43
N SER A 280 26.62 19.66 3.72
CA SER A 280 25.45 20.26 3.06
C SER A 280 25.27 21.62 3.68
N ILE A 281 25.21 21.72 4.98
CA ILE A 281 25.21 22.96 5.76
C ILE A 281 26.26 23.90 5.23
N MET A 282 27.46 23.53 4.89
CA MET A 282 28.39 24.51 4.42
C MET A 282 28.16 25.07 3.03
N LYS A 283 27.28 24.42 2.27
CA LYS A 283 26.92 24.72 0.90
C LYS A 283 25.71 25.63 0.82
N CYS A 284 25.06 25.85 1.96
CA CYS A 284 23.89 26.71 1.99
C CYS A 284 24.20 28.22 2.25
N ASP A 285 23.19 29.03 2.09
CA ASP A 285 23.20 30.45 2.39
C ASP A 285 23.71 30.67 3.79
N VAL A 286 24.71 31.52 3.84
CA VAL A 286 25.35 31.95 5.05
C VAL A 286 24.36 32.32 6.13
N ASP A 287 23.19 32.89 5.80
CA ASP A 287 22.23 33.36 6.82
C ASP A 287 21.19 32.27 7.21
N ILE A 288 21.25 31.00 6.74
CA ILE A 288 20.31 30.05 7.28
C ILE A 288 21.05 28.98 8.00
N ARG A 289 22.37 28.86 7.90
CA ARG A 289 23.17 27.84 8.55
C ARG A 289 22.86 27.68 10.03
N LYS A 290 22.70 28.80 10.73
CA LYS A 290 22.45 28.73 12.14
C LYS A 290 21.11 28.06 12.37
N ASP A 291 20.23 28.13 11.38
CA ASP A 291 18.94 27.52 11.50
C ASP A 291 19.07 26.04 11.23
N LEU A 292 19.87 25.68 10.25
CA LEU A 292 20.10 24.28 9.90
C LEU A 292 20.83 23.52 11.06
N TYR A 293 21.80 24.08 11.81
CA TYR A 293 22.31 23.39 12.99
C TYR A 293 21.34 23.21 14.14
N ALA A 294 20.40 24.10 14.32
CA ALA A 294 19.42 24.02 15.40
C ALA A 294 18.31 23.04 15.10
N ASN A 295 18.23 22.60 13.84
CA ASN A 295 17.15 21.75 13.36
C ASN A 295 17.72 20.65 12.49
N THR A 296 18.48 19.75 13.09
CA THR A 296 18.97 18.60 12.38
C THR A 296 17.97 17.55 12.80
N VAL A 297 17.19 17.01 11.84
CA VAL A 297 16.15 16.01 12.09
C VAL A 297 16.60 14.73 11.38
N LEU A 298 16.40 13.59 12.03
CA LEU A 298 16.80 12.34 11.42
C LEU A 298 15.52 11.65 10.97
N SER A 299 15.47 11.01 9.80
CA SER A 299 14.28 10.28 9.52
C SER A 299 14.58 9.00 8.81
N GLY A 300 13.75 7.96 8.72
CA GLY A 300 14.09 6.72 7.98
C GLY A 300 14.34 5.54 8.90
N GLY A 301 14.14 4.27 8.50
CA GLY A 301 14.41 3.09 9.32
C GLY A 301 15.87 2.97 9.81
N THR A 302 16.90 3.27 9.03
CA THR A 302 18.27 3.14 9.48
C THR A 302 18.60 4.23 10.54
N THR A 303 17.68 5.12 10.99
CA THR A 303 18.04 6.13 12.01
C THR A 303 17.49 5.65 13.35
N MET A 304 16.99 4.43 13.35
CA MET A 304 16.36 3.94 14.55
C MET A 304 17.31 3.34 15.59
N TYR A 305 18.60 3.27 15.31
CA TYR A 305 19.56 2.64 16.19
C TYR A 305 19.70 3.32 17.51
N PRO A 306 19.62 2.70 18.69
CA PRO A 306 20.03 3.27 19.95
C PRO A 306 21.44 3.81 19.84
N GLY A 307 21.57 5.01 20.44
CA GLY A 307 22.74 5.88 20.41
C GLY A 307 22.87 6.80 19.18
N ILE A 308 22.04 6.74 18.12
CA ILE A 308 22.38 7.55 16.93
C ILE A 308 22.16 9.03 17.12
N ALA A 309 21.16 9.47 17.90
CA ALA A 309 20.99 10.89 18.19
C ALA A 309 22.18 11.45 18.93
N ASP A 310 22.56 10.84 20.06
CA ASP A 310 23.77 11.22 20.82
C ASP A 310 25.05 11.21 20.02
N ARG A 311 25.28 10.20 19.23
CA ARG A 311 26.50 10.12 18.48
C ARG A 311 26.46 11.10 17.33
N MET A 312 25.32 11.38 16.71
CA MET A 312 25.23 12.39 15.68
C MET A 312 25.54 13.71 16.37
N GLN A 313 24.90 14.09 17.48
CA GLN A 313 25.19 15.29 18.25
C GLN A 313 26.66 15.41 18.56
N LYS A 314 27.29 14.50 19.32
CA LYS A 314 28.72 14.47 19.61
C LYS A 314 29.58 14.78 18.40
N GLU A 315 29.21 14.26 17.25
CA GLU A 315 30.05 14.42 16.06
C GLU A 315 29.85 15.71 15.30
N ILE A 316 28.63 16.23 15.29
CA ILE A 316 28.41 17.49 14.61
C ILE A 316 28.93 18.57 15.53
N THR A 317 28.78 18.41 16.83
CA THR A 317 29.40 19.31 17.78
C THR A 317 30.91 19.40 17.65
N ALA A 318 31.62 18.38 17.20
CA ALA A 318 33.06 18.51 16.99
C ALA A 318 33.40 19.28 15.72
N LEU A 319 32.72 19.06 14.57
CA LEU A 319 33.02 19.84 13.36
C LEU A 319 32.50 21.31 13.35
N ALA A 320 31.41 21.57 14.08
CA ALA A 320 30.69 22.83 14.02
C ALA A 320 31.45 23.93 14.70
N PRO A 321 31.41 25.22 14.24
CA PRO A 321 32.01 26.38 14.96
C PRO A 321 31.70 26.29 16.47
N SER A 322 32.66 26.75 17.30
CA SER A 322 32.62 26.50 18.74
C SER A 322 31.46 27.08 19.59
N THR A 323 30.50 27.64 18.88
CA THR A 323 29.39 28.35 19.45
C THR A 323 28.05 27.82 19.01
N MET A 324 27.92 27.07 17.88
CA MET A 324 26.61 26.77 17.34
C MET A 324 25.74 26.05 18.34
N LYS A 325 24.47 26.35 18.53
CA LYS A 325 23.60 25.58 19.41
C LYS A 325 23.32 24.45 18.45
N ILE A 326 23.56 23.17 18.75
CA ILE A 326 23.27 22.12 17.81
C ILE A 326 22.18 21.27 18.42
N LYS A 327 21.06 21.13 17.75
CA LYS A 327 19.92 20.46 18.32
C LYS A 327 19.63 19.40 17.28
N ILE A 328 19.90 18.15 17.61
CA ILE A 328 19.67 17.02 16.72
C ILE A 328 18.23 16.65 17.08
N ILE A 329 17.26 16.25 16.21
CA ILE A 329 15.87 16.04 16.60
C ILE A 329 15.64 14.62 16.16
N ALA A 330 15.03 13.79 16.99
CA ALA A 330 14.89 12.42 16.57
C ALA A 330 13.60 11.99 17.22
N PRO A 331 12.48 12.40 16.52
CA PRO A 331 11.13 12.14 16.97
C PRO A 331 10.99 10.62 17.02
N PRO A 332 10.38 10.06 18.06
CA PRO A 332 10.29 8.64 18.19
C PRO A 332 9.45 7.99 17.10
N GLU A 333 8.76 8.70 16.19
CA GLU A 333 7.98 8.02 15.17
C GLU A 333 8.56 8.12 13.81
N ARG A 334 9.87 8.32 13.81
CA ARG A 334 10.69 8.58 12.63
C ARG A 334 10.94 7.52 11.55
N LYS A 335 4.17 5.65 11.95
CA LYS A 335 4.57 4.48 11.14
C LYS A 335 3.96 4.79 9.76
N TYR A 336 2.81 5.49 9.66
CA TYR A 336 2.16 5.83 8.39
C TYR A 336 2.26 7.27 7.84
N SER A 337 3.08 8.16 8.41
CA SER A 337 3.27 9.55 7.98
C SER A 337 3.48 9.69 6.48
N VAL A 338 4.42 9.05 5.84
CA VAL A 338 4.61 9.27 4.43
C VAL A 338 3.32 8.98 3.65
N TRP A 339 2.55 7.94 3.93
CA TRP A 339 1.35 7.68 3.17
C TRP A 339 0.29 8.72 3.50
N ILE A 340 0.00 9.20 4.72
CA ILE A 340 -1.13 10.10 4.91
C ILE A 340 -0.79 11.52 4.52
N GLY A 341 0.49 11.85 4.40
CA GLY A 341 0.86 13.14 3.86
C GLY A 341 0.60 13.27 2.36
N GLY A 342 0.78 12.17 1.64
CA GLY A 342 0.48 12.04 0.23
C GLY A 342 -1.02 11.94 0.00
N SER A 343 -1.78 11.07 0.69
CA SER A 343 -3.21 11.14 0.69
C SER A 343 -3.86 12.52 0.87
N ILE A 344 -3.31 13.44 1.68
CA ILE A 344 -3.80 14.81 1.93
C ILE A 344 -3.57 15.67 0.70
N LEU A 345 -2.28 15.63 0.36
CA LEU A 345 -1.72 16.36 -0.76
C LEU A 345 -2.47 15.98 -2.02
N ALA A 346 -2.47 14.73 -2.50
CA ALA A 346 -3.16 14.39 -3.71
C ALA A 346 -4.69 14.49 -3.68
N SER A 347 -5.29 14.98 -2.58
CA SER A 347 -6.72 15.20 -2.53
C SER A 347 -7.02 16.67 -2.66
N LEU A 348 -6.09 17.58 -2.40
CA LEU A 348 -6.36 19.01 -2.52
C LEU A 348 -6.58 19.40 -4.00
N SER A 349 -7.51 20.32 -4.34
CA SER A 349 -7.72 20.69 -5.72
C SER A 349 -6.52 21.41 -6.20
N THR A 350 -5.75 21.95 -5.24
CA THR A 350 -4.41 22.52 -5.41
C THR A 350 -3.49 21.63 -6.30
N PHE A 351 -3.48 20.35 -5.98
CA PHE A 351 -2.54 19.43 -6.50
C PHE A 351 -2.72 19.11 -7.96
N GLN A 352 -3.94 19.14 -8.50
CA GLN A 352 -4.13 18.78 -9.89
C GLN A 352 -3.32 19.71 -10.77
N GLN A 353 -2.93 20.88 -10.30
CA GLN A 353 -2.04 21.71 -11.06
C GLN A 353 -0.81 21.44 -10.23
N MET A 354 -0.09 20.38 -10.55
CA MET A 354 1.16 20.05 -9.90
C MET A 354 1.66 18.76 -10.52
N TRP A 355 0.76 17.92 -11.05
CA TRP A 355 1.10 16.69 -11.74
C TRP A 355 1.85 16.91 -13.05
N ILE A 356 2.40 15.82 -13.57
CA ILE A 356 3.00 15.73 -14.88
C ILE A 356 1.91 14.92 -15.58
N SER A 357 1.39 15.46 -16.68
CA SER A 357 0.30 14.83 -17.37
C SER A 357 0.84 13.98 -18.50
N LYS A 358 -0.02 13.11 -19.05
CA LYS A 358 0.29 12.25 -20.19
C LYS A 358 0.78 13.15 -21.28
N GLN A 359 0.00 14.21 -21.60
CA GLN A 359 0.40 15.23 -22.56
C GLN A 359 1.84 15.74 -22.38
N GLU A 360 2.19 16.13 -21.13
CA GLU A 360 3.51 16.68 -20.87
C GLU A 360 4.60 15.69 -21.05
N TYR A 361 4.34 14.46 -20.68
CA TYR A 361 5.31 13.40 -20.82
C TYR A 361 5.67 13.22 -22.30
N ASP A 362 4.67 13.31 -23.19
CA ASP A 362 4.88 13.20 -24.63
C ASP A 362 5.72 14.32 -25.16
N GLU A 363 5.24 15.49 -24.69
CA GLU A 363 5.85 16.76 -25.02
C GLU A 363 7.32 16.61 -24.66
N SER A 364 7.66 16.26 -23.40
CA SER A 364 9.06 16.36 -22.99
C SER A 364 9.83 15.07 -23.06
N GLY A 365 9.23 14.02 -22.54
CA GLY A 365 9.91 12.76 -22.46
C GLY A 365 9.96 12.43 -20.99
N PRO A 366 10.83 11.55 -20.46
CA PRO A 366 11.00 11.30 -19.01
C PRO A 366 11.73 12.34 -18.14
N SER A 367 12.58 13.15 -18.78
CA SER A 367 13.34 14.19 -18.16
C SER A 367 12.44 15.12 -17.36
N ILE A 368 11.29 15.56 -17.85
CA ILE A 368 10.39 16.47 -17.18
C ILE A 368 10.21 16.23 -15.68
N VAL A 369 10.42 15.01 -15.11
CA VAL A 369 10.28 14.75 -13.68
C VAL A 369 11.22 15.67 -12.95
N HIS A 370 12.37 16.04 -13.49
CA HIS A 370 13.34 16.87 -12.78
C HIS A 370 12.88 18.30 -12.69
N ARG A 371 12.01 18.67 -13.59
CA ARG A 371 11.63 20.05 -13.66
C ARG A 371 10.48 20.16 -12.73
N LYS A 372 9.51 19.26 -12.80
CA LYS A 372 8.29 19.52 -12.10
C LYS A 372 8.16 19.05 -10.72
N CYS A 373 9.07 18.18 -10.35
CA CYS A 373 9.04 17.62 -9.01
C CYS A 373 10.24 18.16 -8.21
N PHE A 374 10.20 19.56 -8.17
CA PHE A 374 10.96 20.65 -7.44
C PHE A 374 11.44 22.06 -7.88
N ASP B 1 -9.41 -6.82 13.87
CA ASP B 1 -9.85 -8.15 13.35
C ASP B 1 -11.37 -8.24 13.29
N VAL B 2 -12.03 -7.14 13.63
CA VAL B 2 -13.50 -7.09 13.63
C VAL B 2 -13.99 -6.78 12.22
N GLU B 3 -13.09 -6.31 11.36
CA GLU B 3 -13.44 -5.98 9.98
C GLU B 3 -13.65 -7.27 9.20
N THR B 4 -13.01 -8.34 9.67
CA THR B 4 -13.12 -9.64 9.03
C THR B 4 -14.54 -10.17 9.17
N CYS B 5 -15.14 -9.90 10.33
CA CYS B 5 -16.51 -10.34 10.60
C CYS B 5 -17.49 -9.56 9.73
N ARG B 6 -17.21 -8.28 9.53
CA ARG B 6 -18.08 -7.42 8.71
C ARG B 6 -17.99 -7.81 7.24
N ASP B 7 -16.78 -8.04 6.76
CA ASP B 7 -16.60 -8.45 5.36
C ASP B 7 -17.26 -9.80 5.14
N GLU B 8 -17.18 -10.67 6.13
CA GLU B 8 -17.78 -12.00 6.02
C GLU B 8 -19.27 -11.83 5.74
N ARG B 9 -19.92 -10.95 6.48
CA ARG B 9 -21.36 -10.72 6.29
C ARG B 9 -21.62 -10.08 4.93
N CYS B 10 -20.88 -9.03 4.62
CA CYS B 10 -21.02 -8.29 3.37
C CYS B 10 -21.00 -9.16 2.10
N TYR B 11 -19.90 -9.87 1.89
CA TYR B 11 -19.77 -10.71 0.70
C TYR B 11 -20.73 -11.90 0.71
N ARG B 12 -21.11 -12.33 1.91
CA ARG B 12 -22.04 -13.44 2.03
C ARG B 12 -23.39 -13.00 1.47
N LEU B 13 -23.81 -11.81 1.88
CA LEU B 13 -25.09 -11.25 1.44
C LEU B 13 -25.06 -10.94 -0.06
N TRP B 14 -23.93 -10.44 -0.54
CA TRP B 14 -23.77 -10.11 -1.94
C TRP B 14 -23.87 -11.36 -2.82
N ILE B 15 -23.14 -12.40 -2.45
CA ILE B 15 -23.14 -13.65 -3.21
C ILE B 15 -24.53 -14.28 -3.28
N ASN B 16 -25.28 -14.20 -2.19
CA ASN B 16 -26.62 -14.78 -2.14
C ASN B 16 -27.69 -14.01 -2.92
N SER B 17 -27.32 -12.85 -3.45
CA SER B 17 -28.26 -12.03 -4.22
C SER B 17 -27.91 -12.01 -5.71
N LEU B 18 -26.84 -12.71 -6.07
CA LEU B 18 -26.39 -12.75 -7.45
C LEU B 18 -27.18 -13.70 -8.36
N GLY B 19 -28.03 -14.54 -7.77
CA GLY B 19 -28.80 -15.48 -8.56
C GLY B 19 -28.07 -16.80 -8.68
N ILE B 20 -27.10 -16.99 -7.79
CA ILE B 20 -26.28 -18.21 -7.73
C ILE B 20 -27.16 -19.39 -7.28
N ASP B 21 -26.77 -20.60 -7.67
CA ASP B 21 -27.54 -21.79 -7.30
C ASP B 21 -27.22 -22.31 -5.90
N SER B 22 -26.09 -21.90 -5.34
CA SER B 22 -25.70 -22.32 -4.01
C SER B 22 -25.99 -21.21 -3.01
N TYR B 23 -26.21 -21.59 -1.76
CA TYR B 23 -26.48 -20.60 -0.72
C TYR B 23 -25.29 -20.55 0.25
N VAL B 24 -24.87 -19.34 0.60
CA VAL B 24 -23.74 -19.16 1.51
C VAL B 24 -24.17 -18.85 2.94
N ASN B 25 -23.76 -19.69 3.87
CA ASN B 25 -24.06 -19.50 5.29
C ASN B 25 -22.82 -18.91 5.96
N ASN B 26 -21.66 -19.18 5.37
CA ASN B 26 -20.38 -18.68 5.88
C ASN B 26 -19.37 -18.69 4.74
N VAL B 27 -19.05 -17.51 4.21
CA VAL B 27 -18.12 -17.38 3.09
C VAL B 27 -16.77 -18.05 3.28
N PHE B 28 -16.21 -17.95 4.47
CA PHE B 28 -14.90 -18.53 4.75
C PHE B 28 -14.89 -20.06 4.69
N GLU B 29 -16.01 -20.68 5.04
CA GLU B 29 -16.11 -22.13 5.01
C GLU B 29 -16.68 -22.68 3.71
N ASP B 30 -17.84 -22.17 3.33
CA ASP B 30 -18.53 -22.62 2.13
C ASP B 30 -17.85 -22.35 0.79
N VAL B 31 -16.73 -21.64 0.82
CA VAL B 31 -16.01 -21.30 -0.40
C VAL B 31 -14.77 -22.17 -0.65
N ARG B 32 -14.42 -22.99 0.34
CA ARG B 32 -13.24 -23.84 0.27
C ARG B 32 -13.17 -24.97 -0.77
N ASN B 33 -14.30 -25.42 -1.30
CA ASN B 33 -14.22 -26.48 -2.30
C ASN B 33 -14.23 -25.89 -3.71
N GLY B 34 -14.16 -24.57 -3.78
CA GLY B 34 -14.11 -23.87 -5.07
C GLY B 34 -15.35 -23.74 -5.94
N TRP B 35 -16.39 -24.52 -5.68
CA TRP B 35 -17.59 -24.46 -6.51
C TRP B 35 -18.29 -23.10 -6.53
N ILE B 36 -18.67 -22.59 -5.37
CA ILE B 36 -19.35 -21.30 -5.29
C ILE B 36 -18.60 -20.20 -6.03
N LEU B 37 -17.29 -20.12 -5.82
CA LEU B 37 -16.49 -19.10 -6.48
C LEU B 37 -16.55 -19.23 -8.00
N LEU B 38 -16.69 -20.46 -8.50
CA LEU B 38 -16.79 -20.64 -9.94
C LEU B 38 -18.12 -20.09 -10.41
N GLU B 39 -19.17 -20.29 -9.60
CA GLU B 39 -20.50 -19.80 -9.94
C GLU B 39 -20.50 -18.28 -10.01
N VAL B 40 -19.91 -17.64 -9.02
CA VAL B 40 -19.86 -16.18 -9.00
C VAL B 40 -19.10 -15.68 -10.23
N LEU B 41 -18.05 -16.40 -10.62
CA LEU B 41 -17.26 -16.01 -11.78
C LEU B 41 -18.07 -16.12 -13.06
N ASP B 42 -18.88 -17.18 -13.16
CA ASP B 42 -19.69 -17.40 -14.35
C ASP B 42 -20.78 -16.33 -14.48
N LYS B 43 -21.22 -15.79 -13.35
CA LYS B 43 -22.27 -14.76 -13.34
C LYS B 43 -21.70 -13.38 -13.67
N VAL B 44 -20.59 -13.04 -13.02
CA VAL B 44 -19.94 -11.75 -13.22
C VAL B 44 -19.21 -11.66 -14.56
N SER B 45 -18.80 -12.81 -15.09
CA SER B 45 -18.11 -12.88 -16.37
C SER B 45 -18.58 -14.11 -17.14
N PRO B 46 -19.78 -14.03 -17.74
CA PRO B 46 -20.42 -15.10 -18.51
C PRO B 46 -19.50 -15.92 -19.41
N SER B 47 -19.68 -17.23 -19.36
CA SER B 47 -18.91 -18.17 -20.18
C SER B 47 -17.42 -18.23 -19.84
N SER B 48 -17.03 -17.61 -18.73
CA SER B 48 -15.62 -17.62 -18.34
C SER B 48 -15.19 -18.96 -17.74
N VAL B 49 -16.13 -19.67 -17.12
CA VAL B 49 -15.83 -20.95 -16.48
C VAL B 49 -16.04 -22.17 -17.37
N ASN B 50 -15.08 -23.08 -17.34
CA ASN B 50 -15.16 -24.31 -18.11
C ASN B 50 -15.59 -25.41 -17.14
N TRP B 51 -16.89 -25.69 -17.12
CA TRP B 51 -17.46 -26.68 -16.21
C TRP B 51 -17.05 -28.12 -16.52
N LYS B 52 -16.46 -28.33 -17.68
CA LYS B 52 -16.02 -29.67 -18.06
C LYS B 52 -14.81 -30.07 -17.20
N HIS B 53 -14.17 -29.08 -16.59
CA HIS B 53 -13.00 -29.33 -15.73
C HIS B 53 -13.27 -29.00 -14.28
N ALA B 54 -14.55 -28.95 -13.91
CA ALA B 54 -14.93 -28.63 -12.54
C ALA B 54 -15.74 -29.78 -11.95
N SER B 55 -15.72 -29.91 -10.63
CA SER B 55 -16.45 -30.97 -9.95
C SER B 55 -17.51 -30.41 -9.02
N LYS B 56 -18.74 -30.85 -9.20
CA LYS B 56 -19.87 -30.40 -8.40
C LYS B 56 -19.97 -31.13 -7.07
N PRO B 57 -20.19 -30.37 -5.96
CA PRO B 57 -20.31 -30.96 -4.63
C PRO B 57 -21.57 -31.82 -4.48
N PRO B 58 -21.62 -32.67 -3.44
CA PRO B 58 -20.58 -32.86 -2.42
C PRO B 58 -19.28 -33.41 -2.99
N ILE B 59 -18.16 -32.98 -2.40
CA ILE B 59 -16.84 -33.43 -2.84
C ILE B 59 -16.07 -34.08 -1.70
N LYS B 60 -15.61 -35.31 -1.93
CA LYS B 60 -14.85 -36.04 -0.93
C LYS B 60 -13.39 -36.02 -1.36
N MET B 61 -13.16 -36.29 -2.63
CA MET B 61 -11.82 -36.33 -3.19
C MET B 61 -11.19 -34.93 -3.17
N PRO B 62 -10.06 -34.79 -2.46
CA PRO B 62 -9.36 -33.51 -2.36
C PRO B 62 -8.85 -32.99 -3.71
N PHE B 63 -8.51 -33.90 -4.61
CA PHE B 63 -8.03 -33.48 -5.93
C PHE B 63 -9.04 -32.57 -6.62
N ARG B 64 -10.31 -32.96 -6.56
CA ARG B 64 -11.37 -32.20 -7.19
C ARG B 64 -11.53 -30.81 -6.58
N LYS B 65 -11.20 -30.67 -5.30
CA LYS B 65 -11.30 -29.38 -4.62
C LYS B 65 -10.21 -28.45 -5.11
N VAL B 66 -8.99 -28.95 -5.14
CA VAL B 66 -7.84 -28.17 -5.58
C VAL B 66 -7.97 -27.77 -7.04
N GLU B 67 -8.56 -28.64 -7.85
CA GLU B 67 -8.74 -28.34 -9.26
C GLU B 67 -9.71 -27.19 -9.47
N ASN B 68 -10.82 -27.19 -8.74
CA ASN B 68 -11.80 -26.12 -8.86
C ASN B 68 -11.19 -24.78 -8.49
N CYS B 69 -10.50 -24.74 -7.36
CA CYS B 69 -9.87 -23.53 -6.88
C CYS B 69 -8.77 -23.00 -7.80
N ASN B 70 -8.08 -23.90 -8.48
CA ASN B 70 -7.02 -23.47 -9.40
C ASN B 70 -7.64 -22.80 -10.62
N GLN B 71 -8.83 -23.23 -11.04
CA GLN B 71 -9.46 -22.59 -12.19
C GLN B 71 -9.93 -21.22 -11.73
N VAL B 72 -10.35 -21.15 -10.46
CA VAL B 72 -10.81 -19.88 -9.89
C VAL B 72 -9.67 -18.87 -9.95
N ILE B 73 -8.47 -19.31 -9.56
CA ILE B 73 -7.31 -18.44 -9.57
C ILE B 73 -6.94 -18.07 -11.01
N LYS B 74 -6.96 -19.05 -11.89
CA LYS B 74 -6.61 -18.79 -13.29
C LYS B 74 -7.49 -17.70 -13.89
N ILE B 75 -8.81 -17.89 -13.82
CA ILE B 75 -9.74 -16.91 -14.37
C ILE B 75 -9.56 -15.56 -13.68
N GLY B 76 -9.18 -15.58 -12.41
CA GLY B 76 -8.97 -14.35 -11.67
C GLY B 76 -7.82 -13.57 -12.25
N LYS B 77 -6.72 -14.26 -12.53
CA LYS B 77 -5.54 -13.61 -13.10
C LYS B 77 -5.80 -13.18 -14.54
N GLN B 78 -6.65 -13.93 -15.24
CA GLN B 78 -7.00 -13.59 -16.60
C GLN B 78 -7.77 -12.28 -16.64
N LEU B 79 -8.57 -12.04 -15.59
CA LEU B 79 -9.35 -10.82 -15.49
C LEU B 79 -8.49 -9.67 -14.97
N LYS B 80 -7.18 -9.91 -14.91
CA LYS B 80 -6.21 -8.91 -14.47
C LYS B 80 -6.25 -8.62 -12.97
N PHE B 81 -6.87 -9.51 -12.19
CA PHE B 81 -6.93 -9.30 -10.75
C PHE B 81 -5.52 -9.43 -10.18
N SER B 82 -5.35 -9.03 -8.92
CA SER B 82 -4.05 -9.10 -8.28
C SER B 82 -3.95 -10.26 -7.30
N LEU B 83 -3.29 -11.33 -7.71
CA LEU B 83 -3.11 -12.51 -6.87
C LEU B 83 -1.65 -12.93 -6.89
N VAL B 84 -0.93 -12.63 -5.81
CA VAL B 84 0.49 -12.95 -5.74
C VAL B 84 0.82 -13.93 -4.62
N ASN B 85 1.64 -14.93 -4.96
CA ASN B 85 2.06 -15.95 -4.01
C ASN B 85 0.92 -16.81 -3.51
N VAL B 86 -0.08 -17.01 -4.36
CA VAL B 86 -1.23 -17.83 -4.00
C VAL B 86 -1.58 -18.79 -5.12
N ALA B 87 -2.41 -19.77 -4.79
CA ALA B 87 -2.85 -20.75 -5.76
C ALA B 87 -4.16 -21.35 -5.25
N GLY B 88 -4.67 -22.36 -5.95
CA GLY B 88 -5.92 -22.98 -5.55
C GLY B 88 -5.97 -23.51 -4.13
N ASN B 89 -4.90 -24.18 -3.70
CA ASN B 89 -4.89 -24.74 -2.36
C ASN B 89 -4.98 -23.70 -1.25
N ASP B 90 -4.80 -22.43 -1.59
CA ASP B 90 -4.92 -21.35 -0.61
C ASP B 90 -6.39 -21.16 -0.26
N ILE B 91 -7.27 -21.34 -1.24
CA ILE B 91 -8.70 -21.20 -1.02
C ILE B 91 -9.17 -22.41 -0.21
N VAL B 92 -8.67 -23.59 -0.58
CA VAL B 92 -9.02 -24.82 0.11
C VAL B 92 -8.58 -24.77 1.58
N GLN B 93 -7.45 -24.13 1.84
CA GLN B 93 -6.92 -24.01 3.20
C GLN B 93 -7.62 -22.91 3.98
N GLY B 94 -8.54 -22.20 3.32
CA GLY B 94 -9.26 -21.14 3.97
C GLY B 94 -8.52 -19.83 4.17
N ASN B 95 -7.54 -19.53 3.33
CA ASN B 95 -6.80 -18.27 3.45
C ASN B 95 -7.83 -17.14 3.39
N LYS B 96 -8.18 -16.58 4.54
CA LYS B 96 -9.17 -15.52 4.64
C LYS B 96 -8.73 -14.23 3.97
N LYS B 97 -7.44 -13.94 4.03
CA LYS B 97 -6.91 -12.73 3.42
C LYS B 97 -7.05 -12.79 1.90
N LEU B 98 -6.85 -13.98 1.33
CA LEU B 98 -6.97 -14.16 -0.10
C LEU B 98 -8.43 -14.20 -0.53
N ILE B 99 -9.25 -14.90 0.27
CA ILE B 99 -10.67 -15.02 -0.03
C ILE B 99 -11.36 -13.65 -0.04
N LEU B 100 -11.03 -12.81 0.94
CA LEU B 100 -11.62 -11.48 1.01
C LEU B 100 -11.12 -10.62 -0.15
N GLY B 101 -9.83 -10.76 -0.47
CA GLY B 101 -9.26 -10.00 -1.56
C GLY B 101 -9.86 -10.37 -2.90
N LEU B 102 -10.07 -11.66 -3.11
CA LEU B 102 -10.65 -12.15 -4.36
C LEU B 102 -12.10 -11.70 -4.48
N LEU B 103 -12.82 -11.76 -3.37
CA LEU B 103 -14.22 -11.36 -3.34
C LEU B 103 -14.41 -9.86 -3.63
N TRP B 104 -13.59 -9.03 -3.00
CA TRP B 104 -13.66 -7.59 -3.22
C TRP B 104 -13.54 -7.30 -4.72
N GLN B 105 -12.43 -7.76 -5.30
CA GLN B 105 -12.19 -7.56 -6.72
C GLN B 105 -13.32 -8.09 -7.60
N LEU B 106 -13.98 -9.16 -7.15
CA LEU B 106 -15.10 -9.71 -7.91
C LEU B 106 -16.26 -8.73 -7.84
N MET B 107 -16.49 -8.20 -6.65
CA MET B 107 -17.57 -7.25 -6.42
C MET B 107 -17.36 -5.97 -7.23
N ARG B 108 -16.13 -5.45 -7.18
CA ARG B 108 -15.77 -4.23 -7.91
C ARG B 108 -15.83 -4.47 -9.42
N PHE B 109 -15.40 -5.66 -9.84
CA PHE B 109 -15.40 -6.00 -11.25
C PHE B 109 -16.82 -6.03 -11.80
N HIS B 110 -17.73 -6.66 -11.06
CA HIS B 110 -19.12 -6.76 -11.49
C HIS B 110 -19.77 -5.38 -11.57
N MET B 111 -19.46 -4.53 -10.58
CA MET B 111 -20.03 -3.19 -10.53
C MET B 111 -19.61 -2.38 -11.75
N LEU B 112 -18.32 -2.40 -12.08
CA LEU B 112 -17.80 -1.66 -13.21
C LEU B 112 -18.38 -2.17 -14.53
N GLN B 113 -18.51 -3.48 -14.64
CA GLN B 113 -19.07 -4.09 -15.84
C GLN B 113 -20.52 -3.66 -16.03
N LEU B 114 -21.28 -3.60 -14.93
CA LEU B 114 -22.67 -3.19 -14.99
C LEU B 114 -22.77 -1.75 -15.50
N LEU B 115 -21.99 -0.86 -14.93
CA LEU B 115 -21.99 0.53 -15.35
C LEU B 115 -21.61 0.63 -16.83
N LYS B 116 -20.60 -0.14 -17.21
CA LYS B 116 -20.11 -0.15 -18.58
C LYS B 116 -21.20 -0.55 -19.59
N SER B 117 -22.10 -1.44 -19.19
CA SER B 117 -23.16 -1.89 -20.08
C SER B 117 -24.18 -0.79 -20.37
N LEU B 118 -24.05 0.33 -19.67
CA LEU B 118 -24.97 1.45 -19.85
C LEU B 118 -24.50 2.40 -20.95
N ARG B 119 -23.27 2.18 -21.41
CA ARG B 119 -22.67 3.01 -22.46
C ARG B 119 -23.50 3.01 -23.74
N SER B 120 -23.10 3.86 -24.69
CA SER B 120 -23.79 3.97 -25.97
C SER B 120 -25.26 4.33 -25.79
N GLU B 121 -21.79 0.30 -23.14
CA GLU B 121 -20.68 1.06 -22.50
C GLU B 121 -21.13 1.81 -21.25
N MET B 122 -21.80 1.09 -20.36
CA MET B 122 -22.29 1.67 -19.11
C MET B 122 -21.14 1.99 -18.16
N THR B 123 -21.38 2.94 -17.26
CA THR B 123 -20.37 3.33 -16.27
C THR B 123 -21.07 3.62 -14.96
N ASP B 124 -20.29 3.66 -13.87
CA ASP B 124 -20.84 3.95 -12.56
C ASP B 124 -21.47 5.35 -12.61
N ALA B 125 -20.80 6.26 -13.31
CA ALA B 125 -21.26 7.63 -13.45
C ALA B 125 -22.63 7.75 -14.10
N ASP B 126 -22.91 6.88 -15.08
CA ASP B 126 -24.20 6.93 -15.76
C ASP B 126 -25.31 6.57 -14.78
N ILE B 127 -25.00 5.70 -13.83
CA ILE B 127 -25.96 5.26 -12.83
C ILE B 127 -26.18 6.41 -11.84
N LEU B 128 -25.09 7.08 -11.47
CA LEU B 128 -25.14 8.20 -10.54
C LEU B 128 -26.01 9.29 -11.17
N SER B 129 -25.80 9.55 -12.45
CA SER B 129 -26.56 10.55 -13.18
C SER B 129 -28.04 10.21 -13.24
N TRP B 130 -28.35 8.94 -13.54
CA TRP B 130 -29.74 8.49 -13.61
C TRP B 130 -30.50 8.71 -12.30
N ALA B 131 -29.88 8.30 -11.19
CA ALA B 131 -30.50 8.44 -9.87
C ALA B 131 -30.82 9.90 -9.53
N ASN B 132 -29.83 10.78 -9.68
CA ASN B 132 -30.03 12.19 -9.39
C ASN B 132 -31.11 12.77 -10.29
N ARG B 133 -31.04 12.45 -11.57
CA ARG B 133 -32.01 12.95 -12.54
C ARG B 133 -33.42 12.43 -12.25
N LYS B 134 -33.51 11.15 -11.89
CA LYS B 134 -34.80 10.53 -11.60
C LYS B 134 -35.51 11.20 -10.43
N VAL B 135 -34.75 11.61 -9.42
CA VAL B 135 -35.33 12.26 -8.25
C VAL B 135 -35.80 13.68 -8.60
N ARG B 136 -35.06 14.35 -9.47
CA ARG B 136 -35.42 15.71 -9.87
C ARG B 136 -36.74 15.79 -10.62
N THR B 137 -37.23 14.67 -11.14
CA THR B 137 -38.48 14.67 -11.88
C THR B 137 -39.68 14.71 -10.94
N MET B 138 -39.45 14.45 -9.66
CA MET B 138 -40.53 14.48 -8.68
C MET B 138 -40.62 15.82 -7.99
N GLY B 139 -39.73 16.74 -8.38
CA GLY B 139 -39.75 18.06 -7.80
C GLY B 139 -38.81 18.24 -6.61
N ARG B 140 -38.14 17.17 -6.21
CA ARG B 140 -37.23 17.22 -5.09
C ARG B 140 -35.85 17.71 -5.55
N LYS B 141 -35.14 18.39 -4.67
CA LYS B 141 -33.82 18.93 -4.99
C LYS B 141 -32.62 18.16 -4.41
N LEU B 142 -32.88 17.23 -3.50
CA LEU B 142 -31.77 16.47 -2.92
C LEU B 142 -31.05 15.62 -3.96
N GLN B 143 -29.73 15.70 -3.96
CA GLN B 143 -28.90 14.97 -4.91
C GLN B 143 -27.68 14.42 -4.17
N ILE B 144 -26.86 13.65 -4.88
CA ILE B 144 -25.65 13.09 -4.29
C ILE B 144 -24.48 13.32 -5.24
N GLU B 145 -23.29 13.51 -4.68
CA GLU B 145 -22.11 13.74 -5.49
C GLU B 145 -21.46 12.42 -5.92
N SER B 146 -21.77 11.36 -5.19
CA SER B 146 -21.21 10.04 -5.48
C SER B 146 -21.91 8.99 -4.62
N PHE B 147 -21.58 7.73 -4.86
CA PHE B 147 -22.17 6.64 -4.09
C PHE B 147 -21.43 6.45 -2.76
N LYS B 148 -20.58 7.42 -2.43
CA LYS B 148 -19.81 7.41 -1.20
C LYS B 148 -20.31 8.58 -0.34
N ASP B 149 -21.20 9.37 -0.92
CA ASP B 149 -21.76 10.54 -0.26
C ASP B 149 -22.25 10.21 1.16
N LYS B 150 -21.69 10.90 2.15
CA LYS B 150 -22.01 10.70 3.55
C LYS B 150 -23.49 10.83 3.91
N SER B 151 -24.17 11.76 3.25
CA SER B 151 -25.59 12.00 3.51
C SER B 151 -26.47 10.79 3.21
N LEU B 152 -25.93 9.83 2.45
CA LEU B 152 -26.68 8.63 2.10
C LEU B 152 -27.15 7.85 3.31
N SER B 153 -26.37 7.88 4.38
CA SER B 153 -26.68 7.16 5.62
C SER B 153 -28.06 7.43 6.19
N SER B 154 -28.63 8.60 5.88
CA SER B 154 -29.95 8.95 6.39
C SER B 154 -31.02 8.08 5.76
N GLY B 155 -30.79 7.69 4.50
CA GLY B 155 -31.74 6.84 3.80
C GLY B 155 -32.82 7.64 3.08
N LEU B 156 -32.78 8.96 3.25
CA LEU B 156 -33.77 9.83 2.62
C LEU B 156 -33.69 9.83 1.11
N PHE B 157 -32.47 9.84 0.57
CA PHE B 157 -32.30 9.83 -0.87
C PHE B 157 -32.91 8.60 -1.50
N PHE B 158 -32.54 7.42 -1.01
CA PHE B 158 -33.07 6.17 -1.54
C PHE B 158 -34.60 6.14 -1.51
N LEU B 159 -35.19 6.53 -0.39
CA LEU B 159 -36.63 6.53 -0.25
C LEU B 159 -37.30 7.48 -1.24
N ASN B 160 -36.62 8.57 -1.57
CA ASN B 160 -37.14 9.54 -2.53
C ASN B 160 -37.04 8.92 -3.92
N LEU B 161 -35.90 8.28 -4.20
CA LEU B 161 -35.67 7.65 -5.49
C LEU B 161 -36.70 6.53 -5.71
N LEU B 162 -36.91 5.72 -4.68
CA LEU B 162 -37.87 4.63 -4.74
C LEU B 162 -39.27 5.19 -4.93
N TRP B 163 -39.55 6.29 -4.25
CA TRP B 163 -40.83 6.95 -4.33
C TRP B 163 -41.00 7.50 -5.76
N ALA B 164 -39.90 8.01 -6.31
CA ALA B 164 -39.91 8.54 -7.67
C ALA B 164 -40.25 7.43 -8.66
N VAL B 165 -39.62 6.26 -8.46
CA VAL B 165 -39.86 5.12 -9.33
C VAL B 165 -41.30 4.63 -9.24
N GLU B 166 -41.76 4.39 -8.01
CA GLU B 166 -43.12 3.92 -7.78
C GLU B 166 -43.62 4.43 -6.44
N PRO B 167 -44.28 5.60 -6.43
CA PRO B 167 -44.81 6.21 -5.21
C PRO B 167 -45.71 5.30 -4.38
N ARG B 168 -46.31 4.31 -5.03
CA ARG B 168 -47.20 3.38 -4.34
C ARG B 168 -46.49 2.40 -3.40
N VAL B 169 -45.17 2.28 -3.50
CA VAL B 169 -44.43 1.36 -2.63
C VAL B 169 -43.76 2.02 -1.44
N VAL B 170 -43.87 3.34 -1.33
CA VAL B 170 -43.26 4.04 -0.20
C VAL B 170 -44.29 4.80 0.62
N ASN B 171 -44.49 4.36 1.86
CA ASN B 171 -45.43 5.02 2.76
C ASN B 171 -44.59 5.94 3.62
N TRP B 172 -44.72 7.25 3.40
CA TRP B 172 -43.93 8.21 4.14
C TRP B 172 -44.23 8.36 5.63
N ASN B 173 -45.39 7.88 6.06
CA ASN B 173 -45.71 7.95 7.48
C ASN B 173 -44.75 7.01 8.20
N LEU B 174 -44.28 5.99 7.48
CA LEU B 174 -43.38 4.99 8.04
C LEU B 174 -41.90 5.39 8.00
N VAL B 175 -41.57 6.40 7.20
CA VAL B 175 -40.19 6.84 7.10
C VAL B 175 -39.83 7.81 8.21
N THR B 176 -38.56 7.79 8.62
CA THR B 176 -38.10 8.67 9.69
C THR B 176 -37.02 9.59 9.16
N LYS B 177 -36.49 10.43 10.04
CA LYS B 177 -35.41 11.34 9.66
C LYS B 177 -34.14 10.50 9.74
N GLY B 178 -33.12 10.86 8.97
CA GLY B 178 -31.89 10.09 9.02
C GLY B 178 -30.91 10.75 9.97
N GLU B 179 -31.30 10.87 11.23
CA GLU B 179 -30.45 11.50 12.23
C GLU B 179 -29.79 10.51 13.19
N THR B 180 -30.57 9.97 14.12
CA THR B 180 -30.04 9.02 15.09
C THR B 180 -29.68 7.70 14.41
N ASP B 181 -28.77 6.96 15.00
CA ASP B 181 -28.35 5.67 14.45
C ASP B 181 -29.54 4.72 14.38
N ASP B 182 -30.51 4.93 15.27
CA ASP B 182 -31.70 4.09 15.30
C ASP B 182 -32.62 4.44 14.14
N GLU B 183 -32.80 5.73 13.90
CA GLU B 183 -33.65 6.21 12.82
C GLU B 183 -33.11 5.77 11.46
N LYS B 184 -31.80 5.83 11.30
CA LYS B 184 -31.16 5.43 10.05
C LYS B 184 -31.35 3.94 9.85
N ARG B 185 -31.10 3.18 10.92
CA ARG B 185 -31.23 1.73 10.89
C ARG B 185 -32.63 1.36 10.42
N LEU B 186 -33.61 2.11 10.90
CA LEU B 186 -35.00 1.86 10.55
C LEU B 186 -35.32 2.12 9.08
N ASN B 187 -34.82 3.21 8.53
CA ASN B 187 -35.08 3.50 7.12
C ASN B 187 -34.37 2.46 6.25
N ALA B 188 -33.10 2.19 6.58
CA ALA B 188 -32.29 1.23 5.85
C ALA B 188 -33.03 -0.09 5.68
N THR B 189 -33.52 -0.66 6.78
CA THR B 189 -34.24 -1.92 6.72
C THR B 189 -35.49 -1.78 5.87
N TYR B 190 -36.09 -0.59 5.90
CA TYR B 190 -37.29 -0.33 5.13
C TYR B 190 -36.93 -0.26 3.64
N ILE B 191 -35.81 0.40 3.36
CA ILE B 191 -35.32 0.54 1.99
C ILE B 191 -35.07 -0.81 1.34
N VAL B 192 -34.35 -1.68 2.06
CA VAL B 192 -34.03 -3.01 1.56
C VAL B 192 -35.26 -3.84 1.23
N SER B 193 -36.30 -3.72 2.05
CA SER B 193 -37.53 -4.46 1.82
C SER B 193 -38.37 -3.88 0.68
N VAL B 194 -38.44 -2.56 0.60
CA VAL B 194 -39.22 -1.92 -0.46
C VAL B 194 -38.56 -2.22 -1.82
N ALA B 195 -37.24 -2.16 -1.87
CA ALA B 195 -36.51 -2.43 -3.10
C ALA B 195 -36.80 -3.86 -3.59
N ARG B 196 -36.83 -4.81 -2.66
CA ARG B 196 -37.11 -6.19 -3.00
C ARG B 196 -38.55 -6.34 -3.43
N LYS B 197 -39.39 -5.48 -2.88
CA LYS B 197 -40.82 -5.48 -3.20
C LYS B 197 -40.99 -5.09 -4.66
N LEU B 198 -40.08 -4.26 -5.16
CA LEU B 198 -40.12 -3.82 -6.56
C LEU B 198 -39.59 -4.88 -7.51
N GLY B 199 -38.63 -5.67 -7.02
CA GLY B 199 -38.06 -6.71 -7.84
C GLY B 199 -36.53 -6.75 -7.75
N CYS B 200 -35.97 -5.84 -6.98
CA CYS B 200 -34.52 -5.76 -6.81
C CYS B 200 -33.99 -6.96 -6.03
N SER B 201 -33.13 -7.74 -6.66
CA SER B 201 -32.54 -8.90 -6.03
C SER B 201 -31.19 -8.46 -5.44
N VAL B 202 -31.25 -7.72 -4.35
CA VAL B 202 -30.05 -7.21 -3.69
C VAL B 202 -29.73 -7.97 -2.41
N PHE B 203 -28.48 -7.93 -1.97
CA PHE B 203 -28.09 -8.66 -0.77
C PHE B 203 -27.29 -7.86 0.25
N LEU B 204 -27.33 -6.53 0.13
CA LEU B 204 -26.60 -5.70 1.09
C LEU B 204 -27.37 -5.75 2.41
N LEU B 205 -26.71 -5.40 3.49
CA LEU B 205 -27.33 -5.38 4.81
C LEU B 205 -27.76 -3.95 5.09
N PRO B 206 -28.80 -3.76 5.93
CA PRO B 206 -29.28 -2.42 6.26
C PRO B 206 -28.13 -1.51 6.68
N GLU B 207 -27.19 -2.07 7.44
CA GLU B 207 -26.02 -1.31 7.89
C GLU B 207 -25.10 -0.90 6.75
N ASP B 208 -25.31 -1.48 5.57
CA ASP B 208 -24.50 -1.14 4.40
C ASP B 208 -24.89 0.26 3.91
N ILE B 209 -26.10 0.69 4.27
CA ILE B 209 -26.58 2.01 3.89
C ILE B 209 -26.21 3.01 4.97
N VAL B 210 -26.34 2.58 6.23
CA VAL B 210 -26.02 3.44 7.37
C VAL B 210 -24.53 3.79 7.42
N GLU B 211 -23.69 2.85 6.98
CA GLU B 211 -22.24 3.05 6.98
C GLU B 211 -21.75 3.49 5.61
N VAL B 212 -22.67 3.56 4.65
CA VAL B 212 -22.36 3.97 3.29
C VAL B 212 -21.25 3.16 2.60
N ASN B 213 -21.57 1.90 2.30
CA ASN B 213 -20.64 1.00 1.60
C ASN B 213 -20.86 1.31 0.12
N GLN B 214 -20.03 2.19 -0.43
CA GLN B 214 -20.17 2.62 -1.82
C GLN B 214 -20.39 1.54 -2.87
N LYS B 215 -19.69 0.41 -2.73
CA LYS B 215 -19.87 -0.68 -3.69
C LYS B 215 -21.29 -1.22 -3.63
N MET B 216 -21.81 -1.40 -2.41
CA MET B 216 -23.16 -1.91 -2.23
C MET B 216 -24.18 -0.84 -2.63
N ILE B 217 -23.84 0.41 -2.42
CA ILE B 217 -24.72 1.51 -2.78
C ILE B 217 -24.92 1.51 -4.29
N LEU B 218 -23.81 1.40 -5.03
CA LEU B 218 -23.82 1.38 -6.48
C LEU B 218 -24.77 0.31 -7.02
N ILE B 219 -24.60 -0.92 -6.54
CA ILE B 219 -25.43 -2.04 -6.99
C ILE B 219 -26.92 -1.89 -6.66
N LEU B 220 -27.24 -1.35 -5.49
CA LEU B 220 -28.65 -1.18 -5.12
C LEU B 220 -29.28 -0.21 -6.12
N THR B 221 -28.64 0.95 -6.27
CA THR B 221 -29.12 1.98 -7.18
C THR B 221 -29.28 1.43 -8.60
N ALA B 222 -28.23 0.76 -9.09
CA ALA B 222 -28.26 0.19 -10.43
C ALA B 222 -29.41 -0.81 -10.56
N SER B 223 -29.71 -1.49 -9.46
CA SER B 223 -30.79 -2.47 -9.46
C SER B 223 -32.15 -1.77 -9.50
N ILE B 224 -32.25 -0.64 -8.80
CA ILE B 224 -33.50 0.14 -8.79
C ILE B 224 -33.71 0.60 -10.23
N MET B 225 -32.64 1.12 -10.82
CA MET B 225 -32.66 1.61 -12.19
C MET B 225 -33.13 0.52 -13.12
N TYR B 226 -32.51 -0.65 -13.01
CA TYR B 226 -32.85 -1.79 -13.85
C TYR B 226 -34.36 -2.01 -13.95
N TRP B 227 -35.04 -2.05 -12.82
CA TRP B 227 -36.48 -2.27 -12.81
C TRP B 227 -37.31 -1.04 -13.15
N SER B 228 -36.73 0.14 -12.95
CA SER B 228 -37.44 1.38 -13.26
C SER B 228 -37.58 1.53 -14.78
N LEU B 229 -36.51 1.18 -15.50
CA LEU B 229 -36.49 1.28 -16.96
C LEU B 229 -37.34 0.23 -17.66
N GLN B 230 -38.09 -0.56 -16.89
CA GLN B 230 -38.94 -1.59 -17.47
C GLN B 230 -40.40 -1.39 -17.09
N ARG B 231 -40.67 -0.31 -16.38
CA ARG B 231 -42.03 0.00 -15.93
C ARG B 231 -42.90 0.53 -17.08
#